data_3ZX5
#
_entry.id   3ZX5
#
_cell.length_a   39.948
_cell.length_b   71.263
_cell.length_c   91.217
_cell.angle_alpha   90.00
_cell.angle_beta   95.52
_cell.angle_gamma   90.00
#
_symmetry.space_group_name_H-M   'P 1 21 1'
#
loop_
_entity.id
_entity.type
_entity.pdbx_description
1 polymer 'MANNOSYL-3-PHOSPHOGLYCERATE PHOSPHATASE'
2 non-polymer 'MAGNESIUM ION'
3 non-polymer oxido(dioxo)vanadium
4 non-polymer '(2R)-3-hydroxy-2-(alpha-D-mannopyranosyloxy)propanoic acid'
5 water water
#
_entity_poly.entity_id   1
_entity_poly.type   'polypeptide(L)'
_entity_poly.pdbx_seq_one_letter_code
;MIVFTDLDGTLLDERGELGPAREALERLRALGVPVVPVTAKTRKEVEALGLEPPFIVENGGGLYLPRDWPVRAGRPKGGY
RVVSLAWPYRKVRARLREAEALAGRPILGYGDLTAEAVARLTGLSREAARRAKAREYDETLVLCPEEVEAVLEALEAVGL
EWTHGGRFYHAAKGADKGRAVARLRALWPDPEEARFAVGLGDSLNDLPLFRAVDLAVYVGRGDPPEGVLATPAPGPEGFR
YAVERYLLPRLSRRGGSGP
;
_entity_poly.pdbx_strand_id   A,B
#
loop_
_chem_comp.id
_chem_comp.type
_chem_comp.name
_chem_comp.formula
2M8 D-saccharide, alpha linking '(2R)-3-hydroxy-2-(alpha-D-mannopyranosyloxy)propanoic acid' 'C9 H16 O9'
MG non-polymer 'MAGNESIUM ION' 'Mg 2'
VN4 non-polymer oxido(dioxo)vanadium 'O3 V -1'
#
# COMPACT_ATOMS: atom_id res chain seq x y z
N MET A 1 22.55 -23.65 29.65
CA MET A 1 21.21 -23.36 29.16
C MET A 1 21.20 -22.06 28.36
N ILE A 2 20.54 -22.08 27.20
CA ILE A 2 20.23 -20.85 26.47
C ILE A 2 18.72 -20.76 26.28
N VAL A 3 18.16 -19.58 26.53
CA VAL A 3 16.75 -19.33 26.24
C VAL A 3 16.60 -18.55 24.95
N PHE A 4 16.01 -19.17 23.93
CA PHE A 4 15.71 -18.51 22.67
C PHE A 4 14.24 -18.07 22.70
N THR A 5 13.97 -16.80 22.44
CA THR A 5 12.59 -16.34 22.56
C THR A 5 12.13 -15.40 21.46
N ASP A 6 10.92 -15.66 20.97
CA ASP A 6 10.23 -14.78 20.06
C ASP A 6 9.87 -13.51 20.85
N LEU A 7 9.61 -12.42 20.14
CA LEU A 7 9.28 -11.16 20.81
C LEU A 7 7.78 -10.88 20.81
N ASP A 8 7.24 -10.43 19.67
CA ASP A 8 5.82 -10.09 19.59
C ASP A 8 4.95 -11.23 20.12
N GLY A 9 4.11 -10.94 21.08
CA GLY A 9 3.14 -11.93 21.52
C GLY A 9 3.71 -13.04 22.38
N THR A 10 5.01 -12.97 22.65
CA THR A 10 5.69 -13.92 23.52
C THR A 10 6.38 -13.18 24.66
N LEU A 11 7.50 -12.54 24.37
CA LEU A 11 8.22 -11.75 25.38
C LEU A 11 7.59 -10.36 25.53
N LEU A 12 6.94 -9.88 24.49
CA LEU A 12 6.40 -8.52 24.49
C LEU A 12 4.89 -8.52 24.62
N ASP A 13 4.36 -7.49 25.27
CA ASP A 13 2.92 -7.35 25.45
C ASP A 13 2.32 -6.65 24.24
N GLU A 14 1.08 -6.21 24.36
CA GLU A 14 0.37 -5.59 23.26
C GLU A 14 0.89 -4.21 22.89
N ARG A 15 1.66 -3.60 23.78
CA ARG A 15 2.26 -2.29 23.50
C ARG A 15 3.74 -2.42 23.18
N GLY A 16 4.16 -3.65 22.88
CA GLY A 16 5.55 -3.91 22.55
C GLY A 16 6.50 -3.70 23.72
N GLU A 17 5.99 -3.88 24.93
CA GLU A 17 6.81 -3.80 26.15
C GLU A 17 6.82 -5.13 26.90
N LEU A 18 7.44 -5.15 28.08
CA LEU A 18 7.71 -6.40 28.78
C LEU A 18 6.58 -6.93 29.65
N GLY A 19 5.86 -6.05 30.34
CA GLY A 19 4.86 -6.50 31.28
C GLY A 19 5.53 -7.32 32.36
N PRO A 20 4.94 -8.48 32.70
CA PRO A 20 5.48 -9.36 33.74
C PRO A 20 6.76 -10.09 33.33
N ALA A 21 7.21 -9.89 32.10
CA ALA A 21 8.42 -10.57 31.61
C ALA A 21 9.67 -9.94 32.19
N ARG A 22 9.60 -8.64 32.47
CA ARG A 22 10.71 -7.89 33.06
C ARG A 22 11.34 -8.64 34.23
N GLU A 23 10.53 -8.98 35.24
CA GLU A 23 11.03 -9.68 36.40
C GLU A 23 11.61 -11.02 36.01
N ALA A 24 10.95 -11.69 35.08
CA ALA A 24 11.38 -13.01 34.63
C ALA A 24 12.74 -12.92 33.93
N LEU A 25 12.92 -11.87 33.13
CA LEU A 25 14.19 -11.65 32.44
C LEU A 25 15.34 -11.39 33.40
N GLU A 26 15.05 -10.60 34.43
CA GLU A 26 16.08 -10.29 35.43
C GLU A 26 16.55 -11.53 36.18
N ARG A 27 15.62 -12.39 36.57
CA ARG A 27 15.97 -13.63 37.24
C ARG A 27 16.93 -14.47 36.40
N LEU A 28 16.66 -14.54 35.10
CA LEU A 28 17.50 -15.30 34.19
C LEU A 28 18.91 -14.73 34.10
N ARG A 29 19.01 -13.40 33.99
CA ARG A 29 20.31 -12.74 33.92
C ARG A 29 21.10 -12.99 35.20
N ALA A 30 20.40 -12.91 36.33
CA ALA A 30 21.02 -13.11 37.63
C ALA A 30 21.63 -14.50 37.72
N LEU A 31 20.97 -15.46 37.07
CA LEU A 31 21.44 -16.84 37.06
C LEU A 31 22.43 -17.08 35.93
N GLY A 32 22.71 -16.04 35.15
CA GLY A 32 23.69 -16.14 34.08
C GLY A 32 23.21 -16.91 32.86
N VAL A 33 21.90 -16.99 32.68
CA VAL A 33 21.32 -17.68 31.53
C VAL A 33 21.15 -16.72 30.36
N PRO A 34 21.90 -16.96 29.28
CA PRO A 34 21.77 -16.11 28.09
C PRO A 34 20.33 -16.14 27.57
N VAL A 35 19.85 -15.00 27.12
CA VAL A 35 18.54 -14.90 26.49
C VAL A 35 18.75 -14.32 25.08
N VAL A 36 18.30 -15.05 24.08
CA VAL A 36 18.56 -14.69 22.69
C VAL A 36 17.24 -14.44 22.01
N PRO A 37 16.96 -13.18 21.65
CA PRO A 37 15.75 -12.90 20.86
C PRO A 37 15.80 -13.59 19.49
N VAL A 38 14.70 -14.18 19.07
CA VAL A 38 14.57 -14.79 17.74
C VAL A 38 13.23 -14.35 17.15
N THR A 39 13.29 -13.43 16.19
CA THR A 39 12.14 -12.61 15.88
C THR A 39 12.00 -12.31 14.37
N ALA A 40 10.79 -11.99 13.94
CA ALA A 40 10.56 -11.47 12.59
C ALA A 40 11.02 -10.02 12.52
N LYS A 41 11.23 -9.40 13.67
CA LYS A 41 11.60 -7.99 13.70
C LYS A 41 12.99 -7.72 13.10
N THR A 42 13.21 -6.49 12.66
CA THR A 42 14.51 -6.13 12.10
C THR A 42 15.50 -5.82 13.21
N ARG A 43 16.78 -5.78 12.87
CA ARG A 43 17.80 -5.38 13.83
C ARG A 43 17.53 -3.99 14.39
N LYS A 44 17.06 -3.08 13.55
CA LYS A 44 16.80 -1.73 14.05
C LYS A 44 15.75 -1.78 15.15
N GLU A 45 14.76 -2.65 14.99
CA GLU A 45 13.72 -2.78 15.99
C GLU A 45 14.27 -3.40 17.29
N VAL A 46 15.07 -4.45 17.14
CA VAL A 46 15.66 -5.11 18.31
C VAL A 46 16.52 -4.13 19.10
N GLU A 47 17.32 -3.33 18.39
CA GLU A 47 18.12 -2.28 19.01
C GLU A 47 17.29 -1.27 19.79
N ALA A 48 16.18 -0.82 19.20
CA ALA A 48 15.34 0.18 19.85
C ALA A 48 14.76 -0.36 21.15
N LEU A 49 14.69 -1.69 21.26
CA LEU A 49 14.22 -2.34 22.49
C LEU A 49 15.33 -2.50 23.52
N GLY A 50 16.54 -2.05 23.19
CA GLY A 50 17.67 -2.14 24.11
C GLY A 50 18.21 -3.54 24.28
N LEU A 51 17.98 -4.40 23.30
CA LEU A 51 18.44 -5.78 23.39
C LEU A 51 19.82 -5.92 22.77
N GLU A 52 20.75 -6.51 23.53
CA GLU A 52 22.12 -6.68 23.07
C GLU A 52 22.29 -8.00 22.32
N PRO A 53 23.24 -8.04 21.38
CA PRO A 53 23.50 -9.28 20.66
C PRO A 53 24.14 -10.30 21.62
N PRO A 54 24.07 -11.58 21.27
CA PRO A 54 23.53 -12.08 20.01
C PRO A 54 22.01 -12.07 19.91
N PHE A 55 21.52 -11.80 18.72
CA PHE A 55 20.10 -11.96 18.44
C PHE A 55 19.90 -12.37 17.01
N ILE A 56 18.72 -12.93 16.74
CA ILE A 56 18.39 -13.41 15.41
C ILE A 56 17.20 -12.60 14.91
N VAL A 57 17.34 -12.01 13.72
CA VAL A 57 16.34 -11.07 13.20
C VAL A 57 15.68 -11.63 11.96
N GLU A 58 14.59 -10.99 11.55
CA GLU A 58 13.92 -11.30 10.30
C GLU A 58 13.71 -12.79 10.07
N ASN A 59 13.12 -13.45 11.07
CA ASN A 59 12.70 -14.84 10.97
C ASN A 59 13.85 -15.81 10.73
N GLY A 60 15.05 -15.40 11.12
CA GLY A 60 16.22 -16.26 10.98
C GLY A 60 17.08 -15.87 9.81
N GLY A 61 16.72 -14.78 9.12
CA GLY A 61 17.51 -14.31 8.00
C GLY A 61 18.89 -13.80 8.37
N GLY A 62 19.00 -13.17 9.53
CA GLY A 62 20.28 -12.69 10.02
C GLY A 62 20.56 -13.05 11.46
N LEU A 63 21.80 -13.43 11.71
CA LEU A 63 22.29 -13.70 13.04
C LEU A 63 23.27 -12.57 13.36
N TYR A 64 22.92 -11.74 14.32
CA TYR A 64 23.81 -10.66 14.76
C TYR A 64 24.61 -11.10 16.00
N LEU A 65 25.94 -10.99 15.89
CA LEU A 65 26.84 -11.34 16.99
C LEU A 65 27.58 -10.10 17.46
N PRO A 66 27.94 -10.07 18.75
CA PRO A 66 28.90 -9.05 19.20
C PRO A 66 30.13 -9.09 18.32
N ARG A 67 30.72 -7.94 18.01
CA ARG A 67 31.95 -7.89 17.23
C ARG A 67 33.03 -8.79 17.83
N ASP A 68 33.12 -8.79 19.16
CA ASP A 68 34.17 -9.58 19.82
C ASP A 68 33.75 -11.01 20.21
N TRP A 69 32.71 -11.54 19.57
CA TRP A 69 32.31 -12.93 19.80
C TRP A 69 33.51 -13.87 19.73
N PRO A 70 33.63 -14.79 20.69
CA PRO A 70 34.82 -15.64 20.79
C PRO A 70 34.97 -16.65 19.65
N VAL A 71 33.90 -16.88 18.90
CA VAL A 71 33.97 -17.77 17.75
C VAL A 71 33.89 -16.92 16.50
N ARG A 72 34.84 -17.10 15.60
CA ARG A 72 34.90 -16.23 14.43
C ARG A 72 33.85 -16.67 13.42
N ALA A 73 32.96 -15.75 13.05
CA ALA A 73 31.90 -16.05 12.09
C ALA A 73 31.30 -14.74 11.64
N GLY A 74 30.77 -14.72 10.42
CA GLY A 74 30.07 -13.54 9.94
C GLY A 74 30.99 -12.46 9.42
N ARG A 75 30.37 -11.39 8.94
CA ARG A 75 31.07 -10.25 8.37
C ARG A 75 31.02 -9.12 9.38
N PRO A 76 32.16 -8.46 9.62
CA PRO A 76 32.20 -7.37 10.61
C PRO A 76 31.35 -6.22 10.15
N LYS A 77 30.59 -5.65 11.07
CA LYS A 77 29.83 -4.44 10.82
C LYS A 77 29.71 -3.64 12.11
N GLY A 78 30.61 -2.67 12.27
CA GLY A 78 30.60 -1.84 13.47
C GLY A 78 30.80 -2.69 14.71
N GLY A 79 29.85 -2.61 15.62
CA GLY A 79 29.95 -3.34 16.88
C GLY A 79 29.45 -4.77 16.78
N TYR A 80 29.16 -5.21 15.56
CA TYR A 80 28.62 -6.54 15.31
C TYR A 80 29.49 -7.32 14.36
N ARG A 81 29.22 -8.62 14.29
CA ARG A 81 29.54 -9.41 13.12
C ARG A 81 28.21 -10.00 12.70
N VAL A 82 27.94 -10.04 11.40
CA VAL A 82 26.66 -10.51 10.91
C VAL A 82 26.79 -11.75 10.05
N VAL A 83 26.04 -12.78 10.43
CA VAL A 83 25.94 -13.99 9.63
C VAL A 83 24.64 -13.91 8.86
N SER A 84 24.73 -13.77 7.54
CA SER A 84 23.54 -13.73 6.69
C SER A 84 23.17 -15.13 6.22
N LEU A 85 22.00 -15.59 6.62
CA LEU A 85 21.55 -16.92 6.23
C LEU A 85 20.59 -16.87 5.04
N ALA A 86 19.96 -15.72 4.84
CA ALA A 86 18.91 -15.59 3.82
C ALA A 86 19.31 -14.65 2.68
N TRP A 87 18.57 -14.72 1.56
CA TRP A 87 18.75 -13.78 0.46
C TRP A 87 18.56 -12.35 0.93
N PRO A 88 19.23 -11.39 0.29
CA PRO A 88 18.99 -9.98 0.64
C PRO A 88 17.59 -9.51 0.24
N TYR A 89 17.04 -8.57 1.02
CA TYR A 89 15.75 -7.93 0.76
C TYR A 89 15.57 -7.55 -0.71
N ARG A 90 16.59 -6.96 -1.32
CA ARG A 90 16.43 -6.44 -2.68
C ARG A 90 16.09 -7.58 -3.64
N LYS A 91 16.71 -8.73 -3.42
CA LYS A 91 16.49 -9.89 -4.26
C LYS A 91 15.10 -10.51 -4.02
N VAL A 92 14.70 -10.58 -2.76
CA VAL A 92 13.32 -10.95 -2.44
C VAL A 92 12.34 -10.01 -3.16
N ARG A 93 12.57 -8.69 -3.06
CA ARG A 93 11.67 -7.71 -3.67
C ARG A 93 11.61 -7.89 -5.19
N ALA A 94 12.73 -8.24 -5.82
CA ALA A 94 12.75 -8.46 -7.26
C ALA A 94 11.93 -9.70 -7.59
N ARG A 95 12.07 -10.72 -6.76
CA ARG A 95 11.30 -11.95 -6.96
C ARG A 95 9.83 -11.70 -6.77
N LEU A 96 9.48 -10.84 -5.81
CA LEU A 96 8.09 -10.48 -5.59
C LEU A 96 7.49 -9.88 -6.85
N ARG A 97 8.26 -9.02 -7.54
CA ARG A 97 7.75 -8.44 -8.78
C ARG A 97 7.37 -9.52 -9.79
N GLU A 98 8.16 -10.60 -9.85
CA GLU A 98 7.82 -11.72 -10.74
C GLU A 98 6.61 -12.50 -10.24
N ALA A 99 6.47 -12.62 -8.92
CA ALA A 99 5.28 -13.26 -8.35
C ALA A 99 4.02 -12.47 -8.70
N GLU A 100 4.13 -11.14 -8.69
CA GLU A 100 3.04 -10.27 -9.13
C GLU A 100 2.55 -10.63 -10.52
N ALA A 101 3.48 -10.72 -11.47
CA ALA A 101 3.11 -10.98 -12.85
C ALA A 101 2.46 -12.33 -12.95
N LEU A 102 2.89 -13.25 -12.09
CA LEU A 102 2.34 -14.59 -12.06
C LEU A 102 0.93 -14.58 -11.50
N ALA A 103 0.78 -13.95 -10.33
CA ALA A 103 -0.52 -13.89 -9.66
C ALA A 103 -1.52 -13.09 -10.50
N GLY A 104 -1.00 -12.22 -11.35
CA GLY A 104 -1.85 -11.36 -12.17
C GLY A 104 -2.52 -10.32 -11.31
N ARG A 105 -1.89 -9.96 -10.20
CA ARG A 105 -2.40 -8.94 -9.30
C ARG A 105 -1.26 -8.41 -8.43
N PRO A 106 -1.41 -7.18 -7.91
CA PRO A 106 -0.33 -6.62 -7.09
C PRO A 106 -0.10 -7.43 -5.83
N ILE A 107 1.16 -7.49 -5.41
CA ILE A 107 1.50 -8.05 -4.12
C ILE A 107 2.26 -6.96 -3.40
N LEU A 108 1.65 -6.40 -2.38
CA LEU A 108 2.21 -5.27 -1.66
C LEU A 108 2.91 -5.71 -0.39
N GLY A 109 3.99 -5.01 -0.03
CA GLY A 109 4.67 -5.23 1.23
C GLY A 109 5.13 -3.91 1.80
N TYR A 110 5.76 -3.97 2.97
CA TYR A 110 6.28 -2.77 3.60
C TYR A 110 7.11 -1.92 2.64
N GLY A 111 7.89 -2.56 1.77
CA GLY A 111 8.72 -1.82 0.83
C GLY A 111 7.94 -0.87 -0.08
N ASP A 112 6.66 -1.17 -0.30
CA ASP A 112 5.76 -0.36 -1.12
C ASP A 112 5.02 0.73 -0.35
N LEU A 113 5.11 0.72 0.98
CA LEU A 113 4.26 1.58 1.80
C LEU A 113 5.09 2.64 2.50
N THR A 114 4.48 3.79 2.77
CA THR A 114 5.14 4.83 3.55
C THR A 114 5.26 4.36 4.99
N ALA A 115 6.10 5.03 5.76
CA ALA A 115 6.21 4.72 7.19
C ALA A 115 4.87 4.99 7.88
N GLU A 116 4.21 6.08 7.46
CA GLU A 116 2.91 6.43 7.98
CA GLU A 116 2.91 6.44 7.97
C GLU A 116 1.91 5.29 7.78
N ALA A 117 1.92 4.70 6.59
CA ALA A 117 1.03 3.58 6.29
C ALA A 117 1.36 2.37 7.15
N VAL A 118 2.64 2.02 7.22
CA VAL A 118 3.04 0.88 8.03
C VAL A 118 2.62 1.10 9.49
N ALA A 119 2.80 2.32 9.98
CA ALA A 119 2.39 2.66 11.33
C ALA A 119 0.90 2.42 11.53
N ARG A 120 0.07 2.90 10.60
CA ARG A 120 -1.38 2.71 10.73
C ARG A 120 -1.76 1.23 10.72
N LEU A 121 -1.11 0.46 9.85
CA LEU A 121 -1.44 -0.94 9.69
C LEU A 121 -1.01 -1.77 10.91
N THR A 122 0.03 -1.31 11.60
CA THR A 122 0.63 -2.11 12.67
C THR A 122 0.34 -1.58 14.07
N GLY A 123 -0.12 -0.35 14.15
CA GLY A 123 -0.33 0.31 15.43
C GLY A 123 0.97 0.84 16.01
N LEU A 124 2.07 0.67 15.28
CA LEU A 124 3.35 1.23 15.70
C LEU A 124 3.38 2.75 15.48
N SER A 125 4.30 3.43 16.16
CA SER A 125 4.54 4.85 15.91
C SER A 125 5.24 5.00 14.58
N ARG A 126 5.23 6.20 14.01
CA ARG A 126 5.90 6.38 12.72
C ARG A 126 7.36 6.00 12.82
N GLU A 127 8.00 6.30 13.94
CA GLU A 127 9.41 6.01 14.09
C GLU A 127 9.66 4.50 14.19
N ALA A 128 8.86 3.82 15.01
CA ALA A 128 8.95 2.37 15.11
C ALA A 128 8.67 1.75 13.76
N ALA A 129 7.72 2.32 13.03
CA ALA A 129 7.41 1.83 11.69
C ALA A 129 8.60 2.00 10.74
N ARG A 130 9.33 3.11 10.86
CA ARG A 130 10.54 3.29 10.07
C ARG A 130 11.56 2.18 10.36
N ARG A 131 11.67 1.79 11.62
CA ARG A 131 12.58 0.68 11.96
C ARG A 131 12.07 -0.65 11.40
N ALA A 132 10.76 -0.84 11.39
CA ALA A 132 10.17 -2.07 10.85
C ALA A 132 10.35 -2.16 9.32
N LYS A 133 10.49 -1.01 8.68
CA LYS A 133 10.71 -0.94 7.23
C LYS A 133 12.16 -1.15 6.83
N ALA A 134 13.07 -1.09 7.80
CA ALA A 134 14.49 -1.26 7.53
C ALA A 134 14.84 -2.74 7.50
N ARG A 135 14.34 -3.42 6.47
CA ARG A 135 14.44 -4.87 6.35
C ARG A 135 15.58 -5.27 5.43
N GLU A 136 16.36 -6.24 5.90
CA GLU A 136 17.57 -6.67 5.23
C GLU A 136 17.41 -7.95 4.44
N TYR A 137 16.40 -8.76 4.82
CA TYR A 137 16.21 -10.11 4.29
C TYR A 137 14.77 -10.42 3.93
N ASP A 138 13.88 -10.10 4.86
CA ASP A 138 12.50 -10.59 4.86
C ASP A 138 11.56 -9.45 4.47
N GLU A 139 10.57 -9.74 3.64
CA GLU A 139 9.52 -8.75 3.38
C GLU A 139 8.25 -9.08 4.16
N THR A 140 7.68 -8.06 4.80
CA THR A 140 6.36 -8.24 5.42
C THR A 140 5.30 -7.86 4.39
N LEU A 141 4.39 -8.79 4.09
CA LEU A 141 3.37 -8.58 3.06
C LEU A 141 2.10 -7.99 3.64
N VAL A 142 1.42 -7.17 2.84
CA VAL A 142 0.11 -6.65 3.23
C VAL A 142 -0.91 -7.20 2.26
N LEU A 143 -1.67 -8.18 2.73
CA LEU A 143 -2.55 -8.95 1.87
C LEU A 143 -3.98 -8.88 2.37
N CYS A 144 -4.93 -8.81 1.44
CA CYS A 144 -6.33 -8.95 1.81
C CYS A 144 -6.59 -10.44 2.06
N PRO A 145 -7.32 -10.74 3.13
CA PRO A 145 -7.58 -12.13 3.53
C PRO A 145 -7.90 -13.03 2.33
N GLU A 146 -8.75 -12.55 1.44
CA GLU A 146 -9.27 -13.37 0.35
C GLU A 146 -8.24 -13.72 -0.72
N GLU A 147 -7.14 -12.98 -0.76
CA GLU A 147 -6.15 -13.20 -1.81
C GLU A 147 -4.93 -13.97 -1.29
N VAL A 148 -4.88 -14.18 0.02
CA VAL A 148 -3.71 -14.78 0.64
C VAL A 148 -3.22 -16.03 -0.09
N GLU A 149 -4.11 -17.00 -0.25
CA GLU A 149 -3.72 -18.30 -0.80
C GLU A 149 -3.17 -18.25 -2.24
N ALA A 150 -3.76 -17.41 -3.08
CA ALA A 150 -3.27 -17.26 -4.46
C ALA A 150 -1.88 -16.64 -4.44
N VAL A 151 -1.68 -15.71 -3.52
CA VAL A 151 -0.38 -15.06 -3.40
C VAL A 151 0.68 -16.06 -2.92
N LEU A 152 0.35 -16.87 -1.91
CA LEU A 152 1.30 -17.85 -1.40
C LEU A 152 1.74 -18.81 -2.49
N GLU A 153 0.79 -19.21 -3.35
CA GLU A 153 1.11 -20.14 -4.43
C GLU A 153 2.10 -19.50 -5.40
N ALA A 154 1.93 -18.21 -5.64
CA ALA A 154 2.75 -17.48 -6.61
C ALA A 154 4.16 -17.27 -6.05
N LEU A 155 4.25 -17.00 -4.75
CA LEU A 155 5.53 -16.88 -4.05
C LEU A 155 6.37 -18.13 -4.22
N GLU A 156 5.77 -19.28 -3.95
CA GLU A 156 6.48 -20.55 -4.07
C GLU A 156 6.89 -20.80 -5.52
N ALA A 157 6.04 -20.43 -6.46
CA ALA A 157 6.33 -20.64 -7.87
C ALA A 157 7.60 -19.92 -8.31
N VAL A 158 7.91 -18.78 -7.69
CA VAL A 158 9.08 -18.00 -8.08
C VAL A 158 10.26 -18.21 -7.13
N GLY A 159 10.21 -19.27 -6.34
CA GLY A 159 11.32 -19.65 -5.50
C GLY A 159 11.39 -19.03 -4.11
N LEU A 160 10.33 -18.32 -3.72
CA LEU A 160 10.32 -17.68 -2.40
C LEU A 160 9.68 -18.60 -1.38
N GLU A 161 9.94 -18.35 -0.10
CA GLU A 161 9.32 -19.09 0.99
C GLU A 161 8.44 -18.13 1.78
N TRP A 162 7.45 -18.65 2.49
CA TRP A 162 6.57 -17.78 3.24
C TRP A 162 6.27 -18.38 4.60
N THR A 163 5.89 -17.52 5.53
CA THR A 163 5.41 -17.94 6.83
C THR A 163 4.51 -16.82 7.30
N HIS A 164 4.00 -16.91 8.53
CA HIS A 164 3.34 -15.75 9.10
C HIS A 164 3.62 -15.62 10.59
N GLY A 165 3.66 -14.38 11.06
CA GLY A 165 3.83 -14.11 12.47
C GLY A 165 2.47 -13.95 13.11
N GLY A 166 2.36 -13.04 14.07
CA GLY A 166 1.10 -12.88 14.76
C GLY A 166 0.01 -12.35 13.84
N ARG A 167 0.39 -11.45 12.94
CA ARG A 167 -0.59 -10.73 12.13
C ARG A 167 -0.31 -10.70 10.64
N PHE A 168 0.97 -10.80 10.27
CA PHE A 168 1.34 -10.63 8.88
C PHE A 168 2.03 -11.83 8.24
N TYR A 169 1.79 -12.00 6.94
CA TYR A 169 2.55 -12.95 6.15
C TYR A 169 3.90 -12.37 5.77
N HIS A 170 4.87 -13.24 5.57
CA HIS A 170 6.23 -12.82 5.23
C HIS A 170 6.71 -13.59 4.01
N ALA A 171 7.58 -12.96 3.24
CA ALA A 171 8.25 -13.63 2.12
C ALA A 171 9.75 -13.44 2.24
N ALA A 172 10.50 -14.52 2.06
CA ALA A 172 11.95 -14.49 2.18
C ALA A 172 12.49 -15.74 1.52
N LYS A 173 13.81 -15.90 1.52
CA LYS A 173 14.39 -17.14 1.03
C LYS A 173 15.59 -17.48 1.91
N GLY A 174 15.47 -18.57 2.66
CA GLY A 174 16.55 -18.99 3.53
C GLY A 174 16.44 -18.45 4.96
N ALA A 175 15.31 -17.82 5.29
CA ALA A 175 15.10 -17.33 6.65
C ALA A 175 14.25 -18.33 7.41
N ASP A 176 14.84 -19.02 8.37
CA ASP A 176 14.08 -19.99 9.16
C ASP A 176 14.59 -19.88 10.59
N LYS A 177 13.70 -19.74 11.57
CA LYS A 177 14.13 -19.54 12.95
C LYS A 177 14.93 -20.74 13.46
N GLY A 178 14.51 -21.95 13.05
CA GLY A 178 15.18 -23.17 13.45
C GLY A 178 16.60 -23.25 12.89
N ARG A 179 16.75 -22.96 11.61
CA ARG A 179 18.08 -22.92 11.00
C ARG A 179 19.01 -21.97 11.76
N ALA A 180 18.48 -20.79 12.08
CA ALA A 180 19.27 -19.75 12.74
C ALA A 180 19.68 -20.17 14.15
N VAL A 181 18.73 -20.76 14.87
CA VAL A 181 19.01 -21.29 16.20
C VAL A 181 20.08 -22.39 16.15
N ALA A 182 19.93 -23.33 15.23
CA ALA A 182 20.92 -24.40 15.10
C ALA A 182 22.30 -23.79 14.83
N ARG A 183 22.35 -22.84 13.92
CA ARG A 183 23.61 -22.16 13.60
C ARG A 183 24.22 -21.46 14.81
N LEU A 184 23.42 -20.67 15.51
CA LEU A 184 23.93 -19.95 16.67
C LEU A 184 24.43 -20.91 17.74
N ARG A 185 23.70 -22.00 17.98
CA ARG A 185 24.18 -23.00 18.95
C ARG A 185 25.53 -23.57 18.55
N ALA A 186 25.69 -23.84 17.26
CA ALA A 186 26.94 -24.40 16.75
C ALA A 186 28.09 -23.40 16.91
N LEU A 187 27.75 -22.13 17.01
CA LEU A 187 28.75 -21.06 17.07
C LEU A 187 28.94 -20.56 18.50
N TRP A 188 28.33 -21.26 19.45
CA TRP A 188 28.35 -20.83 20.84
C TRP A 188 29.72 -21.14 21.44
N PRO A 189 30.27 -20.20 22.22
CA PRO A 189 31.66 -20.35 22.68
C PRO A 189 31.82 -21.56 23.59
N ASP A 190 30.93 -21.70 24.56
CA ASP A 190 30.98 -22.83 25.49
C ASP A 190 29.92 -23.84 25.11
N PRO A 191 30.34 -24.96 24.52
CA PRO A 191 29.41 -26.00 24.03
C PRO A 191 28.47 -26.47 25.12
N GLU A 192 28.96 -26.55 26.36
CA GLU A 192 28.12 -27.04 27.45
C GLU A 192 26.95 -26.11 27.74
N GLU A 193 27.15 -24.81 27.58
CA GLU A 193 26.09 -23.86 27.86
C GLU A 193 24.98 -24.02 26.79
N ALA A 194 25.36 -24.37 25.57
CA ALA A 194 24.39 -24.47 24.48
C ALA A 194 23.77 -25.86 24.38
N ARG A 195 24.21 -26.76 25.26
CA ARG A 195 23.78 -28.15 25.17
C ARG A 195 22.28 -28.29 25.37
N PHE A 196 21.72 -27.47 26.26
CA PHE A 196 20.29 -27.48 26.50
C PHE A 196 19.67 -26.16 26.12
N ALA A 197 18.78 -26.19 25.13
CA ALA A 197 18.15 -24.96 24.65
C ALA A 197 16.66 -24.99 24.88
N VAL A 198 16.13 -23.82 25.26
CA VAL A 198 14.72 -23.63 25.43
C VAL A 198 14.26 -22.65 24.36
N GLY A 199 13.03 -22.81 23.88
CA GLY A 199 12.48 -21.93 22.86
C GLY A 199 11.03 -21.61 23.17
N LEU A 200 10.70 -20.31 23.18
CA LEU A 200 9.33 -19.88 23.46
C LEU A 200 8.78 -19.04 22.30
N GLY A 201 7.51 -19.26 21.96
CA GLY A 201 6.88 -18.56 20.85
C GLY A 201 5.38 -18.75 20.83
N ASP A 202 4.72 -18.13 19.84
CA ASP A 202 3.26 -18.09 19.81
C ASP A 202 2.59 -18.22 18.44
N SER A 203 3.35 -18.28 17.36
CA SER A 203 2.72 -18.28 16.04
C SER A 203 3.40 -19.23 15.07
N LEU A 204 2.92 -19.24 13.83
CA LEU A 204 3.42 -20.16 12.82
C LEU A 204 4.93 -20.05 12.63
N ASN A 205 5.44 -18.82 12.61
CA ASN A 205 6.85 -18.63 12.34
C ASN A 205 7.75 -19.16 13.46
N ASP A 206 7.12 -19.59 14.56
CA ASP A 206 7.84 -20.17 15.71
C ASP A 206 7.96 -21.69 15.68
N LEU A 207 7.24 -22.35 14.78
CA LEU A 207 7.32 -23.81 14.67
C LEU A 207 8.77 -24.30 14.50
N PRO A 208 9.51 -23.68 13.58
CA PRO A 208 10.92 -24.03 13.39
C PRO A 208 11.74 -23.82 14.66
N LEU A 209 11.42 -22.77 15.42
CA LEU A 209 12.11 -22.51 16.69
C LEU A 209 11.86 -23.68 17.65
N PHE A 210 10.61 -24.10 17.78
CA PHE A 210 10.25 -25.22 18.64
C PHE A 210 11.01 -26.47 18.25
N ARG A 211 11.15 -26.71 16.96
CA ARG A 211 11.82 -27.92 16.51
C ARG A 211 13.30 -27.92 16.85
N ALA A 212 13.90 -26.73 16.92
CA ALA A 212 15.35 -26.60 17.04
C ALA A 212 15.86 -26.55 18.48
N VAL A 213 14.96 -26.61 19.44
CA VAL A 213 15.35 -26.52 20.85
C VAL A 213 15.02 -27.81 21.57
N ASP A 214 15.47 -27.93 22.81
CA ASP A 214 15.21 -29.14 23.57
C ASP A 214 13.92 -29.07 24.38
N LEU A 215 13.58 -27.86 24.82
CA LEU A 215 12.36 -27.63 25.57
C LEU A 215 11.60 -26.48 24.93
N ALA A 216 10.47 -26.82 24.28
CA ALA A 216 9.69 -25.82 23.57
C ALA A 216 8.48 -25.43 24.40
N VAL A 217 8.18 -24.13 24.42
CA VAL A 217 7.04 -23.62 25.16
C VAL A 217 6.22 -22.68 24.28
N TYR A 218 4.93 -22.98 24.17
CA TYR A 218 4.01 -22.20 23.37
C TYR A 218 3.20 -21.30 24.28
N VAL A 219 3.22 -19.99 24.00
CA VAL A 219 2.47 -19.04 24.83
C VAL A 219 1.50 -18.27 23.96
N GLY A 220 1.05 -18.90 22.88
CA GLY A 220 0.03 -18.31 22.03
C GLY A 220 -1.36 -18.74 22.46
N ARG A 221 -2.34 -18.50 21.60
CA ARG A 221 -3.72 -18.83 21.90
C ARG A 221 -4.07 -20.23 21.39
N GLY A 222 -4.92 -20.92 22.12
CA GLY A 222 -5.35 -22.24 21.71
C GLY A 222 -4.33 -23.31 22.08
N ASP A 223 -4.48 -24.49 21.48
CA ASP A 223 -3.62 -25.62 21.79
C ASP A 223 -2.23 -25.41 21.21
N PRO A 224 -1.20 -25.85 21.94
CA PRO A 224 0.18 -25.79 21.44
C PRO A 224 0.38 -26.85 20.37
N PRO A 225 1.43 -26.70 19.54
CA PRO A 225 1.79 -27.77 18.62
C PRO A 225 2.07 -29.05 19.39
N GLU A 226 2.02 -30.19 18.71
CA GLU A 226 2.30 -31.47 19.34
C GLU A 226 3.74 -31.51 19.85
N GLY A 227 3.91 -31.89 21.11
CA GLY A 227 5.23 -31.99 21.71
C GLY A 227 5.73 -30.72 22.36
N VAL A 228 4.88 -29.69 22.38
CA VAL A 228 5.27 -28.40 22.95
C VAL A 228 4.47 -28.12 24.22
N LEU A 229 5.16 -27.66 25.26
CA LEU A 229 4.50 -27.32 26.52
C LEU A 229 3.59 -26.10 26.35
N ALA A 230 2.62 -25.97 27.24
CA ALA A 230 1.71 -24.81 27.22
C ALA A 230 1.73 -24.06 28.55
N THR A 231 1.19 -22.85 28.54
CA THR A 231 1.06 -22.06 29.75
C THR A 231 -0.40 -21.68 29.96
N PRO A 232 -0.77 -21.38 31.22
CA PRO A 232 -2.15 -20.99 31.51
C PRO A 232 -2.57 -19.71 30.77
N ALA A 233 -1.66 -18.75 30.68
CA ALA A 233 -1.95 -17.50 29.99
C ALA A 233 -0.99 -17.30 28.83
N PRO A 234 -1.41 -16.54 27.80
CA PRO A 234 -0.54 -16.29 26.64
C PRO A 234 0.37 -15.09 26.86
N GLY A 235 1.28 -14.85 25.92
CA GLY A 235 2.18 -13.72 25.98
C GLY A 235 3.16 -13.73 27.14
N PRO A 236 3.56 -12.54 27.61
CA PRO A 236 4.57 -12.28 28.64
C PRO A 236 4.25 -12.97 29.97
N GLU A 237 2.96 -13.09 30.29
CA GLU A 237 2.55 -13.82 31.47
C GLU A 237 2.83 -15.30 31.28
N GLY A 238 2.69 -15.76 30.03
CA GLY A 238 3.10 -17.10 29.66
C GLY A 238 4.60 -17.26 29.86
N PHE A 239 5.36 -16.26 29.44
CA PHE A 239 6.82 -16.29 29.54
C PHE A 239 7.23 -16.38 31.01
N ARG A 240 6.59 -15.57 31.85
CA ARG A 240 6.89 -15.56 33.27
C ARG A 240 6.56 -16.91 33.87
N TYR A 241 5.37 -17.42 33.56
CA TYR A 241 4.94 -18.72 34.06
C TYR A 241 5.97 -19.76 33.66
N ALA A 242 6.40 -19.70 32.41
CA ALA A 242 7.33 -20.69 31.87
C ALA A 242 8.68 -20.67 32.59
N VAL A 243 9.25 -19.49 32.79
CA VAL A 243 10.55 -19.43 33.47
C VAL A 243 10.45 -19.98 34.89
N GLU A 244 9.45 -19.53 35.63
CA GLU A 244 9.32 -19.94 37.02
C GLU A 244 9.07 -21.44 37.19
N ARG A 245 8.24 -22.00 36.31
CA ARG A 245 7.82 -23.39 36.50
C ARG A 245 8.74 -24.42 35.82
N TYR A 246 9.25 -24.06 34.64
CA TYR A 246 10.01 -25.00 33.83
C TYR A 246 11.52 -24.77 33.89
N LEU A 247 11.94 -23.53 34.11
CA LEU A 247 13.37 -23.20 34.03
C LEU A 247 14.07 -23.09 35.38
N LEU A 248 13.63 -22.15 36.21
CA LEU A 248 14.30 -21.92 37.50
C LEU A 248 14.47 -23.20 38.32
N PRO A 249 13.42 -24.02 38.42
CA PRO A 249 13.53 -25.27 39.19
C PRO A 249 14.49 -26.26 38.53
N ARG A 250 15.23 -25.78 37.54
CA ARG A 250 16.25 -26.59 36.89
C ARG A 250 17.61 -25.92 37.11
N LEU A 251 17.55 -24.65 37.52
CA LEU A 251 18.74 -23.84 37.74
C LEU A 251 19.07 -23.74 39.22
N SER A 252 18.28 -24.11 40.10
N MET B 1 -20.35 25.96 -28.77
CA MET B 1 -19.99 24.58 -28.43
C MET B 1 -18.74 24.54 -27.56
N ILE B 2 -18.80 23.72 -26.52
CA ILE B 2 -17.64 23.39 -25.71
C ILE B 2 -17.58 21.86 -25.63
N VAL B 3 -16.39 21.31 -25.83
CA VAL B 3 -16.20 19.87 -25.76
C VAL B 3 -15.52 19.56 -24.42
N PHE B 4 -16.24 18.85 -23.55
CA PHE B 4 -15.72 18.42 -22.27
C PHE B 4 -15.27 16.98 -22.42
N THR B 5 -14.02 16.68 -22.10
CA THR B 5 -13.53 15.33 -22.36
C THR B 5 -12.71 14.73 -21.22
N ASP B 6 -13.00 13.47 -20.94
CA ASP B 6 -12.16 12.66 -20.08
C ASP B 6 -10.82 12.43 -20.78
N LEU B 7 -9.80 12.05 -20.00
CA LEU B 7 -8.47 11.83 -20.55
C LEU B 7 -8.13 10.34 -20.72
N ASP B 8 -7.83 9.64 -19.62
CA ASP B 8 -7.45 8.22 -19.71
C ASP B 8 -8.49 7.41 -20.45
N GLY B 9 -8.08 6.65 -21.46
CA GLY B 9 -9.02 5.82 -22.18
C GLY B 9 -10.01 6.56 -23.06
N THR B 10 -9.93 7.90 -23.09
CA THR B 10 -10.81 8.66 -23.97
C THR B 10 -10.00 9.51 -24.96
N LEU B 11 -9.37 10.58 -24.45
CA LEU B 11 -8.51 11.43 -25.28
C LEU B 11 -7.07 10.89 -25.38
N LEU B 12 -6.63 10.18 -24.33
CA LEU B 12 -5.25 9.66 -24.28
C LEU B 12 -5.17 8.21 -24.73
N ASP B 13 -4.06 7.83 -25.36
CA ASP B 13 -3.86 6.44 -25.73
C ASP B 13 -3.39 5.63 -24.51
N GLU B 14 -2.96 4.39 -24.73
CA GLU B 14 -2.57 3.51 -23.63
C GLU B 14 -1.32 3.98 -22.88
N ARG B 15 -0.53 4.84 -23.52
CA ARG B 15 0.68 5.37 -22.89
C ARG B 15 0.41 6.72 -22.24
N GLY B 16 -0.85 7.10 -22.20
CA GLY B 16 -1.24 8.37 -21.60
C GLY B 16 -0.77 9.56 -22.42
N GLU B 17 -0.64 9.37 -23.73
CA GLU B 17 -0.17 10.44 -24.60
C GLU B 17 -1.23 10.93 -25.59
N LEU B 18 -1.05 12.17 -26.03
CA LEU B 18 -2.00 12.88 -26.89
C LEU B 18 -1.77 12.68 -28.38
N GLY B 19 -0.65 12.04 -28.73
CA GLY B 19 -0.30 11.80 -30.12
C GLY B 19 -1.48 11.52 -31.04
N PRO B 20 -2.15 10.37 -30.85
CA PRO B 20 -3.25 9.95 -31.73
C PRO B 20 -4.42 10.93 -31.78
N ALA B 21 -4.64 11.65 -30.68
CA ALA B 21 -5.73 12.63 -30.62
C ALA B 21 -5.42 13.97 -31.28
N ARG B 22 -4.15 14.18 -31.65
CA ARG B 22 -3.73 15.48 -32.15
C ARG B 22 -4.60 15.99 -33.28
N GLU B 23 -4.73 15.20 -34.34
CA GLU B 23 -5.45 15.64 -35.53
C GLU B 23 -6.86 16.12 -35.19
N ALA B 24 -7.59 15.34 -34.39
CA ALA B 24 -8.94 15.69 -34.01
C ALA B 24 -8.98 16.93 -33.13
N LEU B 25 -8.01 17.05 -32.22
CA LEU B 25 -7.93 18.24 -31.38
C LEU B 25 -7.67 19.50 -32.20
N GLU B 26 -6.80 19.40 -33.19
CA GLU B 26 -6.48 20.56 -34.03
C GLU B 26 -7.66 20.94 -34.91
N ARG B 27 -8.46 19.95 -35.25
CA ARG B 27 -9.68 20.21 -36.00
C ARG B 27 -10.56 21.12 -35.14
N LEU B 28 -10.72 20.77 -33.86
CA LEU B 28 -11.53 21.58 -32.96
CA LEU B 28 -11.50 21.57 -32.94
C LEU B 28 -10.92 22.96 -32.70
N ARG B 29 -9.62 23.01 -32.44
CA ARG B 29 -8.94 24.28 -32.19
C ARG B 29 -9.05 25.21 -33.39
N ALA B 30 -8.90 24.65 -34.58
CA ALA B 30 -8.96 25.44 -35.80
C ALA B 30 -10.34 26.07 -35.96
N LEU B 31 -11.35 25.38 -35.44
CA LEU B 31 -12.74 25.85 -35.56
C LEU B 31 -13.13 26.65 -34.34
N GLY B 32 -12.14 26.98 -33.52
CA GLY B 32 -12.38 27.75 -32.32
C GLY B 32 -13.32 27.10 -31.31
N VAL B 33 -13.38 25.77 -31.32
CA VAL B 33 -14.16 25.08 -30.29
C VAL B 33 -13.28 24.77 -29.09
N PRO B 34 -13.57 25.37 -27.92
CA PRO B 34 -12.78 25.08 -26.73
C PRO B 34 -12.91 23.62 -26.27
N VAL B 35 -11.81 23.06 -25.77
CA VAL B 35 -11.80 21.70 -25.27
C VAL B 35 -11.34 21.73 -23.82
N VAL B 36 -12.16 21.15 -22.94
CA VAL B 36 -11.92 21.19 -21.51
C VAL B 36 -11.70 19.78 -20.99
N PRO B 37 -10.48 19.48 -20.52
CA PRO B 37 -10.29 18.18 -19.85
C PRO B 37 -11.13 18.07 -18.58
N VAL B 38 -11.74 16.91 -18.34
CA VAL B 38 -12.51 16.64 -17.12
C VAL B 38 -12.09 15.23 -16.68
N THR B 39 -11.27 15.15 -15.64
CA THR B 39 -10.49 13.94 -15.45
C THR B 39 -10.34 13.59 -13.97
N ALA B 40 -10.01 12.34 -13.70
CA ALA B 40 -9.67 11.91 -12.35
C ALA B 40 -8.22 12.30 -12.04
N LYS B 41 -7.47 12.65 -13.09
CA LYS B 41 -6.07 13.02 -12.92
C LYS B 41 -5.89 14.32 -12.13
N THR B 42 -4.68 14.54 -11.62
CA THR B 42 -4.43 15.73 -10.79
C THR B 42 -3.99 16.92 -11.63
N ARG B 43 -4.04 18.10 -11.03
CA ARG B 43 -3.53 19.30 -11.69
C ARG B 43 -2.13 19.09 -12.26
N LYS B 44 -1.25 18.48 -11.47
CA LYS B 44 0.12 18.26 -11.92
C LYS B 44 0.19 17.38 -13.16
N GLU B 45 -0.64 16.34 -13.20
CA GLU B 45 -0.68 15.45 -14.37
C GLU B 45 -1.19 16.18 -15.60
N VAL B 46 -2.24 16.97 -15.41
CA VAL B 46 -2.82 17.72 -16.53
C VAL B 46 -1.78 18.72 -17.06
N GLU B 47 -1.06 19.39 -16.16
CA GLU B 47 -0.04 20.35 -16.61
C GLU B 47 1.08 19.66 -17.39
N ALA B 48 1.46 18.47 -16.94
CA ALA B 48 2.53 17.70 -17.57
C ALA B 48 2.17 17.34 -19.01
N LEU B 49 0.88 17.26 -19.28
CA LEU B 49 0.40 17.03 -20.64
C LEU B 49 0.42 18.32 -21.49
N GLY B 50 0.70 19.45 -20.87
CA GLY B 50 0.74 20.71 -21.58
C GLY B 50 -0.65 21.26 -21.88
N LEU B 51 -1.65 20.76 -21.14
CA LEU B 51 -3.02 21.23 -21.30
C LEU B 51 -3.25 22.48 -20.45
N GLU B 52 -3.79 23.53 -21.07
CA GLU B 52 -4.03 24.80 -20.39
C GLU B 52 -5.44 24.84 -19.82
N PRO B 53 -5.64 25.62 -18.75
CA PRO B 53 -6.98 25.79 -18.19
C PRO B 53 -7.87 26.58 -19.14
N PRO B 54 -9.20 26.50 -18.96
CA PRO B 54 -9.86 25.79 -17.86
C PRO B 54 -9.79 24.27 -17.99
N PHE B 55 -9.65 23.60 -16.85
CA PHE B 55 -9.74 22.15 -16.82
C PHE B 55 -10.25 21.72 -15.46
N ILE B 56 -10.75 20.50 -15.40
CA ILE B 56 -11.39 20.00 -14.20
C ILE B 56 -10.64 18.74 -13.79
N VAL B 57 -10.16 18.74 -12.54
CA VAL B 57 -9.29 17.66 -12.05
C VAL B 57 -10.00 16.79 -11.01
N GLU B 58 -9.40 15.65 -10.73
CA GLU B 58 -9.84 14.82 -9.61
C GLU B 58 -11.35 14.56 -9.56
N ASN B 59 -11.89 14.10 -10.68
CA ASN B 59 -13.29 13.70 -10.78
C ASN B 59 -14.24 14.83 -10.45
N GLY B 60 -13.78 16.06 -10.66
CA GLY B 60 -14.61 17.22 -10.45
C GLY B 60 -14.38 17.88 -9.11
N GLY B 61 -13.41 17.39 -8.35
CA GLY B 61 -13.10 18.00 -7.07
C GLY B 61 -12.60 19.44 -7.19
N GLY B 62 -11.90 19.73 -8.27
CA GLY B 62 -11.34 21.05 -8.46
C GLY B 62 -11.54 21.57 -9.87
N LEU B 63 -12.00 22.81 -9.96
CA LEU B 63 -12.10 23.51 -11.25
C LEU B 63 -10.99 24.56 -11.34
N TYR B 64 -10.10 24.37 -12.31
CA TYR B 64 -9.03 25.33 -12.54
C TYR B 64 -9.32 26.31 -13.69
N LEU B 65 -9.13 27.59 -13.40
CA LEU B 65 -9.35 28.67 -14.36
C LEU B 65 -8.05 29.41 -14.63
N PRO B 66 -7.92 30.01 -15.83
CA PRO B 66 -6.79 30.91 -16.10
C PRO B 66 -6.76 32.07 -15.12
N ARG B 67 -5.57 32.59 -14.80
CA ARG B 67 -5.47 33.70 -13.87
C ARG B 67 -6.33 34.89 -14.29
N ASP B 68 -6.46 35.10 -15.59
CA ASP B 68 -7.20 36.26 -16.09
C ASP B 68 -8.58 35.93 -16.65
N TRP B 69 -9.15 34.83 -16.18
CA TRP B 69 -10.53 34.48 -16.54
C TRP B 69 -11.40 35.71 -16.32
N PRO B 70 -12.25 36.04 -17.31
CA PRO B 70 -13.07 37.24 -17.27
C PRO B 70 -14.06 37.25 -16.10
N VAL B 71 -14.50 36.08 -15.67
CA VAL B 71 -15.44 35.98 -14.56
C VAL B 71 -14.67 35.63 -13.30
N ARG B 72 -14.69 36.53 -12.32
CA ARG B 72 -13.89 36.34 -11.12
C ARG B 72 -14.48 35.28 -10.20
N ALA B 73 -13.79 34.16 -10.06
CA ALA B 73 -14.31 33.10 -9.21
C ALA B 73 -13.14 32.39 -8.57
N GLY B 74 -13.42 31.63 -7.52
CA GLY B 74 -12.41 30.84 -6.86
C GLY B 74 -11.33 31.70 -6.25
N ARG B 75 -10.16 31.11 -6.01
CA ARG B 75 -9.06 31.85 -5.40
C ARG B 75 -7.75 31.62 -6.14
N PRO B 76 -6.89 32.64 -6.18
CA PRO B 76 -5.60 32.47 -6.82
C PRO B 76 -4.85 31.31 -6.21
N LYS B 77 -4.30 30.44 -7.06
CA LYS B 77 -3.52 29.32 -6.58
C LYS B 77 -2.50 28.92 -7.64
N GLY B 78 -1.25 29.30 -7.43
CA GLY B 78 -0.18 28.94 -8.33
C GLY B 78 -0.41 29.35 -9.77
N GLY B 79 -0.74 30.62 -9.98
CA GLY B 79 -0.89 31.14 -11.32
C GLY B 79 -2.22 30.89 -11.99
N TYR B 80 -3.05 30.06 -11.36
CA TYR B 80 -4.43 29.87 -11.81
C TYR B 80 -5.35 30.52 -10.80
N ARG B 81 -6.64 30.36 -11.03
CA ARG B 81 -7.64 30.50 -9.99
C ARG B 81 -8.32 29.14 -9.81
N VAL B 82 -8.54 28.72 -8.57
CA VAL B 82 -9.18 27.44 -8.32
CA VAL B 82 -9.19 27.44 -8.33
C VAL B 82 -10.53 27.58 -7.62
N VAL B 83 -11.50 26.81 -8.08
CA VAL B 83 -12.79 26.68 -7.43
C VAL B 83 -12.81 25.28 -6.83
N SER B 84 -12.79 25.17 -5.50
CA SER B 84 -12.82 23.88 -4.85
C SER B 84 -14.25 23.44 -4.64
N LEU B 85 -14.62 22.31 -5.23
CA LEU B 85 -15.97 21.81 -5.12
C LEU B 85 -16.06 20.71 -4.07
N ALA B 86 -14.96 20.00 -3.87
CA ALA B 86 -14.96 18.82 -3.00
C ALA B 86 -14.20 19.04 -1.68
N TRP B 87 -14.39 18.14 -0.71
CA TRP B 87 -13.54 18.16 0.48
C TRP B 87 -12.10 18.05 0.08
N PRO B 88 -11.19 18.64 0.88
CA PRO B 88 -9.76 18.43 0.68
C PRO B 88 -9.36 16.98 0.96
N TYR B 89 -8.32 16.53 0.26
CA TYR B 89 -7.77 15.17 0.39
C TYR B 89 -7.57 14.78 1.85
N ARG B 90 -7.06 15.71 2.65
CA ARG B 90 -6.76 15.40 4.04
C ARG B 90 -8.00 14.90 4.79
N LYS B 91 -9.14 15.53 4.52
CA LYS B 91 -10.39 15.12 5.15
C LYS B 91 -10.85 13.78 4.64
N VAL B 92 -10.69 13.55 3.35
CA VAL B 92 -11.03 12.25 2.79
C VAL B 92 -10.17 11.17 3.45
N ARG B 93 -8.87 11.44 3.56
CA ARG B 93 -7.93 10.46 4.15
C ARG B 93 -8.34 10.11 5.58
N ALA B 94 -8.74 11.11 6.34
CA ALA B 94 -9.15 10.87 7.72
C ALA B 94 -10.42 10.03 7.82
N ARG B 95 -11.36 10.30 6.93
CA ARG B 95 -12.62 9.56 6.95
C ARG B 95 -12.38 8.14 6.47
N LEU B 96 -11.40 7.96 5.59
CA LEU B 96 -10.99 6.60 5.19
C LEU B 96 -10.59 5.75 6.39
N ARG B 97 -9.97 6.37 7.39
CA ARG B 97 -9.59 5.60 8.57
C ARG B 97 -10.80 5.05 9.31
N GLU B 98 -11.90 5.82 9.35
CA GLU B 98 -13.14 5.33 9.93
C GLU B 98 -13.68 4.16 9.12
N ALA B 99 -13.62 4.29 7.79
CA ALA B 99 -14.05 3.21 6.89
C ALA B 99 -13.27 1.93 7.17
N GLU B 100 -11.95 2.07 7.35
CA GLU B 100 -11.10 0.91 7.66
C GLU B 100 -11.53 0.22 8.94
N ALA B 101 -11.90 1.00 9.94
CA ALA B 101 -12.30 0.43 11.22
C ALA B 101 -13.59 -0.37 11.04
N LEU B 102 -14.53 0.17 10.27
CA LEU B 102 -15.78 -0.53 10.00
C LEU B 102 -15.56 -1.81 9.21
N ALA B 103 -14.70 -1.74 8.20
CA ALA B 103 -14.48 -2.88 7.31
C ALA B 103 -13.66 -3.95 8.00
N GLY B 104 -12.93 -3.55 9.04
CA GLY B 104 -12.08 -4.47 9.75
C GLY B 104 -10.84 -4.86 8.99
N ARG B 105 -10.38 -3.98 8.10
CA ARG B 105 -9.22 -4.29 7.29
C ARG B 105 -8.63 -3.02 6.69
N PRO B 106 -7.37 -3.09 6.25
CA PRO B 106 -6.78 -1.90 5.62
C PRO B 106 -7.48 -1.59 4.31
N ILE B 107 -7.61 -0.29 4.05
CA ILE B 107 -8.05 0.20 2.76
C ILE B 107 -6.91 1.10 2.33
N LEU B 108 -6.14 0.65 1.35
CA LEU B 108 -4.96 1.36 0.91
C LEU B 108 -5.30 2.31 -0.22
N GLY B 109 -4.63 3.46 -0.25
CA GLY B 109 -4.76 4.39 -1.37
C GLY B 109 -3.39 4.88 -1.80
N TYR B 110 -3.32 5.69 -2.85
CA TYR B 110 -2.03 6.23 -3.29
C TYR B 110 -1.31 6.89 -2.14
N GLY B 111 -2.04 7.57 -1.25
CA GLY B 111 -1.41 8.26 -0.14
C GLY B 111 -0.59 7.32 0.76
N ASP B 112 -0.89 6.03 0.71
CA ASP B 112 -0.17 5.03 1.51
C ASP B 112 1.05 4.44 0.81
N LEU B 113 1.16 4.74 -0.48
CA LEU B 113 2.16 4.07 -1.32
C LEU B 113 3.28 4.99 -1.77
N THR B 114 4.47 4.43 -1.96
CA THR B 114 5.57 5.20 -2.51
C THR B 114 5.32 5.50 -3.99
N ALA B 115 5.97 6.52 -4.51
CA ALA B 115 5.89 6.81 -5.95
C ALA B 115 6.34 5.59 -6.74
N GLU B 116 7.34 4.88 -6.23
CA GLU B 116 7.81 3.66 -6.88
C GLU B 116 6.70 2.61 -6.97
N ALA B 117 5.96 2.43 -5.88
CA ALA B 117 4.85 1.46 -5.86
C ALA B 117 3.73 1.93 -6.79
N VAL B 118 3.38 3.20 -6.69
CA VAL B 118 2.36 3.74 -7.59
C VAL B 118 2.78 3.51 -9.04
N ALA B 119 4.04 3.81 -9.35
CA ALA B 119 4.56 3.59 -10.70
C ALA B 119 4.41 2.13 -11.14
N ARG B 120 4.78 1.19 -10.27
CA ARG B 120 4.62 -0.21 -10.61
C ARG B 120 3.16 -0.59 -10.83
N LEU B 121 2.25 -0.06 -10.00
CA LEU B 121 0.85 -0.42 -10.08
C LEU B 121 0.15 0.15 -11.31
N THR B 122 0.61 1.31 -11.76
CA THR B 122 -0.09 2.05 -12.81
C THR B 122 0.60 1.97 -14.17
N GLY B 123 1.86 1.57 -14.19
CA GLY B 123 2.66 1.61 -15.40
C GLY B 123 3.19 3.00 -15.74
N LEU B 124 2.90 3.97 -14.89
CA LEU B 124 3.47 5.31 -15.04
C LEU B 124 4.94 5.33 -14.70
N SER B 125 5.67 6.32 -15.22
CA SER B 125 7.05 6.56 -14.83
C SER B 125 7.05 6.98 -13.38
N ARG B 126 8.23 6.94 -12.75
CA ARG B 126 8.34 7.40 -11.37
C ARG B 126 7.94 8.86 -11.27
N GLU B 127 8.35 9.68 -12.23
CA GLU B 127 7.99 11.09 -12.24
C GLU B 127 6.49 11.31 -12.39
N ALA B 128 5.88 10.57 -13.29
CA ALA B 128 4.44 10.70 -13.49
C ALA B 128 3.69 10.21 -12.24
N ALA B 129 4.23 9.19 -11.60
CA ALA B 129 3.58 8.63 -10.41
C ALA B 129 3.57 9.67 -9.28
N ARG B 130 4.64 10.43 -9.15
CA ARG B 130 4.67 11.51 -8.16
C ARG B 130 3.58 12.52 -8.46
N ARG B 131 3.37 12.82 -9.74
CA ARG B 131 2.31 13.76 -10.09
C ARG B 131 0.93 13.18 -9.78
N ALA B 132 0.75 11.89 -10.03
CA ALA B 132 -0.50 11.20 -9.71
C ALA B 132 -0.75 11.13 -8.21
N LYS B 133 0.32 11.23 -7.42
CA LYS B 133 0.22 11.19 -5.96
C LYS B 133 -0.06 12.57 -5.38
N ALA B 134 0.07 13.62 -6.18
CA ALA B 134 -0.14 14.97 -5.71
C ALA B 134 -1.62 15.30 -5.71
N ARG B 135 -2.38 14.62 -4.86
CA ARG B 135 -3.84 14.70 -4.92
C ARG B 135 -4.37 15.71 -3.93
N GLU B 136 -5.30 16.53 -4.39
CA GLU B 136 -5.86 17.62 -3.59
C GLU B 136 -7.23 17.37 -3.00
N TYR B 137 -7.99 16.45 -3.62
CA TYR B 137 -9.38 16.19 -3.26
C TYR B 137 -9.70 14.72 -3.18
N ASP B 138 -9.26 13.96 -4.18
CA ASP B 138 -9.72 12.59 -4.44
C ASP B 138 -8.62 11.59 -4.11
N GLU B 139 -8.97 10.48 -3.46
CA GLU B 139 -7.98 9.40 -3.25
C GLU B 139 -8.22 8.27 -4.23
N THR B 140 -7.14 7.79 -4.85
CA THR B 140 -7.26 6.61 -5.68
C THR B 140 -7.00 5.40 -4.80
N LEU B 141 -7.90 4.43 -4.82
CA LEU B 141 -7.81 3.28 -3.91
C LEU B 141 -7.17 2.10 -4.61
N VAL B 142 -6.52 1.25 -3.84
CA VAL B 142 -5.94 0.04 -4.37
C VAL B 142 -6.56 -1.09 -3.58
N LEU B 143 -7.53 -1.76 -4.19
CA LEU B 143 -8.38 -2.71 -3.48
C LEU B 143 -8.31 -4.11 -4.08
N CYS B 144 -8.31 -5.15 -3.22
CA CYS B 144 -8.52 -6.51 -3.69
C CYS B 144 -9.90 -6.58 -4.33
N PRO B 145 -10.01 -7.16 -5.53
CA PRO B 145 -11.34 -7.36 -6.13
C PRO B 145 -12.32 -8.03 -5.17
N GLU B 146 -11.86 -9.00 -4.40
CA GLU B 146 -12.73 -9.72 -3.45
C GLU B 146 -13.25 -8.86 -2.30
N GLU B 147 -12.61 -7.73 -2.03
CA GLU B 147 -12.99 -6.87 -0.92
C GLU B 147 -13.79 -5.62 -1.35
N VAL B 148 -13.90 -5.41 -2.66
CA VAL B 148 -14.53 -4.18 -3.14
C VAL B 148 -15.90 -3.94 -2.52
N GLU B 149 -16.76 -4.94 -2.58
CA GLU B 149 -18.11 -4.82 -2.09
C GLU B 149 -18.18 -4.33 -0.64
N ALA B 150 -17.48 -5.04 0.23
CA ALA B 150 -17.41 -4.68 1.65
C ALA B 150 -16.83 -3.27 1.80
N VAL B 151 -15.80 -2.97 1.02
CA VAL B 151 -15.15 -1.65 1.12
C VAL B 151 -16.10 -0.54 0.71
N LEU B 152 -16.80 -0.73 -0.40
CA LEU B 152 -17.70 0.32 -0.89
C LEU B 152 -18.81 0.60 0.12
N GLU B 153 -19.34 -0.44 0.77
CA GLU B 153 -20.34 -0.22 1.82
C GLU B 153 -19.74 0.54 3.00
N ALA B 154 -18.50 0.19 3.36
CA ALA B 154 -17.78 0.91 4.41
C ALA B 154 -17.65 2.39 4.08
N LEU B 155 -17.31 2.70 2.83
CA LEU B 155 -17.19 4.11 2.42
C LEU B 155 -18.52 4.84 2.62
N GLU B 156 -19.60 4.22 2.16
CA GLU B 156 -20.92 4.85 2.26
C GLU B 156 -21.30 5.09 3.70
N ALA B 157 -21.03 4.09 4.54
CA ALA B 157 -21.37 4.15 5.95
C ALA B 157 -20.65 5.29 6.67
N VAL B 158 -19.47 5.68 6.18
CA VAL B 158 -18.75 6.80 6.80
C VAL B 158 -18.94 8.15 6.07
N GLY B 159 -19.82 8.18 5.06
CA GLY B 159 -20.15 9.43 4.39
C GLY B 159 -19.20 9.81 3.25
N LEU B 160 -18.42 8.84 2.79
CA LEU B 160 -17.62 9.04 1.58
C LEU B 160 -18.38 8.61 0.33
N GLU B 161 -18.01 9.18 -0.81
CA GLU B 161 -18.58 8.84 -2.10
C GLU B 161 -17.54 8.07 -2.90
N TRP B 162 -17.98 7.12 -3.70
CA TRP B 162 -17.02 6.36 -4.48
C TRP B 162 -17.37 6.35 -5.97
N THR B 163 -16.38 6.10 -6.81
CA THR B 163 -16.61 5.88 -8.23
C THR B 163 -15.43 5.07 -8.74
N HIS B 164 -15.40 4.78 -10.02
CA HIS B 164 -14.33 3.97 -10.63
CA HIS B 164 -14.19 4.17 -10.55
C HIS B 164 -13.91 4.64 -11.96
N GLY B 165 -12.62 4.72 -12.24
CA GLY B 165 -12.14 5.18 -13.53
C GLY B 165 -11.88 3.96 -14.39
N GLY B 166 -10.89 4.04 -15.29
CA GLY B 166 -10.60 2.90 -16.14
C GLY B 166 -10.17 1.67 -15.37
N ARG B 167 -9.42 1.88 -14.30
CA ARG B 167 -8.79 0.76 -13.58
C ARG B 167 -8.97 0.80 -12.06
N PHE B 168 -9.16 1.99 -11.49
CA PHE B 168 -9.12 2.14 -10.03
C PHE B 168 -10.39 2.72 -9.43
N TYR B 169 -10.72 2.29 -8.22
CA TYR B 169 -11.78 2.93 -7.46
C TYR B 169 -11.23 4.19 -6.84
N HIS B 170 -12.13 5.12 -6.53
CA HIS B 170 -11.78 6.40 -5.94
C HIS B 170 -12.70 6.70 -4.78
N ALA B 171 -12.19 7.47 -3.81
CA ALA B 171 -13.03 7.98 -2.73
C ALA B 171 -12.86 9.48 -2.63
N ALA B 172 -13.97 10.19 -2.43
CA ALA B 172 -13.89 11.63 -2.29
C ALA B 172 -15.21 12.07 -1.68
N LYS B 173 -15.38 13.37 -1.48
CA LYS B 173 -16.67 13.88 -1.00
C LYS B 173 -16.95 15.21 -1.69
N GLY B 174 -17.95 15.23 -2.57
CA GLY B 174 -18.32 16.45 -3.26
C GLY B 174 -17.71 16.55 -4.65
N ALA B 175 -16.96 15.53 -5.06
CA ALA B 175 -16.32 15.51 -6.39
C ALA B 175 -17.19 14.77 -7.40
N ASP B 176 -17.73 15.52 -8.37
CA ASP B 176 -18.64 14.94 -9.35
C ASP B 176 -18.35 15.66 -10.67
N LYS B 177 -18.06 14.91 -11.73
CA LYS B 177 -17.66 15.57 -12.97
C LYS B 177 -18.80 16.45 -13.50
N GLY B 178 -20.04 16.02 -13.30
CA GLY B 178 -21.19 16.79 -13.76
C GLY B 178 -21.33 18.12 -13.05
N ARG B 179 -21.20 18.07 -11.73
CA ARG B 179 -21.29 19.28 -10.92
C ARG B 179 -20.22 20.30 -11.34
N ALA B 180 -19.03 19.81 -11.66
CA ALA B 180 -17.94 20.72 -12.03
C ALA B 180 -18.17 21.31 -13.42
N VAL B 181 -18.66 20.48 -14.34
CA VAL B 181 -18.93 20.93 -15.70
C VAL B 181 -20.05 22.00 -15.65
N ALA B 182 -21.06 21.75 -14.84
CA ALA B 182 -22.14 22.73 -14.68
C ALA B 182 -21.62 24.08 -14.15
N ARG B 183 -20.73 24.01 -13.17
CA ARG B 183 -20.16 25.23 -12.58
C ARG B 183 -19.32 25.99 -13.61
N LEU B 184 -18.49 25.29 -14.37
CA LEU B 184 -17.70 25.93 -15.40
C LEU B 184 -18.59 26.54 -16.50
N ARG B 185 -19.62 25.81 -16.91
CA ARG B 185 -20.54 26.37 -17.92
C ARG B 185 -21.19 27.67 -17.44
N ALA B 186 -21.46 27.74 -16.13
CA ALA B 186 -22.09 28.92 -15.54
C ALA B 186 -21.09 30.08 -15.37
N LEU B 187 -19.81 29.74 -15.35
CA LEU B 187 -18.76 30.75 -15.24
C LEU B 187 -18.15 31.08 -16.59
N TRP B 188 -18.79 30.61 -17.66
CA TRP B 188 -18.24 30.81 -18.99
C TRP B 188 -18.52 32.23 -19.47
N PRO B 189 -17.49 32.89 -20.03
CA PRO B 189 -17.56 34.30 -20.47
C PRO B 189 -18.55 34.51 -21.58
N ASP B 190 -18.76 33.50 -22.42
CA ASP B 190 -19.63 33.62 -23.57
C ASP B 190 -20.77 32.62 -23.44
N PRO B 191 -21.91 33.07 -22.88
CA PRO B 191 -23.03 32.16 -22.60
C PRO B 191 -23.49 31.38 -23.82
N GLU B 192 -23.41 32.00 -24.99
CA GLU B 192 -23.83 31.34 -26.23
C GLU B 192 -22.92 30.15 -26.54
N GLU B 193 -21.63 30.37 -26.37
CA GLU B 193 -20.66 29.33 -26.68
C GLU B 193 -20.82 28.13 -25.76
N ALA B 194 -21.26 28.39 -24.53
CA ALA B 194 -21.42 27.32 -23.53
C ALA B 194 -22.80 26.69 -23.61
N ARG B 195 -23.67 27.26 -24.45
CA ARG B 195 -25.06 26.78 -24.54
C ARG B 195 -25.14 25.31 -24.95
N PHE B 196 -24.25 24.88 -25.84
CA PHE B 196 -24.26 23.50 -26.27
C PHE B 196 -22.99 22.78 -25.85
N ALA B 197 -23.12 21.86 -24.90
CA ALA B 197 -21.95 21.15 -24.38
C ALA B 197 -21.89 19.70 -24.88
N VAL B 198 -20.68 19.25 -25.20
CA VAL B 198 -20.44 17.87 -25.56
C VAL B 198 -19.59 17.24 -24.46
N GLY B 199 -19.84 15.97 -24.12
CA GLY B 199 -19.02 15.27 -23.13
C GLY B 199 -18.60 13.90 -23.65
N LEU B 200 -17.31 13.58 -23.58
CA LEU B 200 -16.84 12.28 -24.03
C LEU B 200 -16.15 11.55 -22.90
N GLY B 201 -16.36 10.25 -22.84
CA GLY B 201 -15.80 9.46 -21.76
C GLY B 201 -15.88 7.98 -22.01
N ASP B 202 -15.37 7.19 -21.06
CA ASP B 202 -15.32 5.75 -21.27
C ASP B 202 -15.54 4.90 -20.03
N SER B 203 -15.78 5.50 -18.87
CA SER B 203 -15.90 4.70 -17.64
CA SER B 203 -15.87 4.73 -17.62
C SER B 203 -16.96 5.23 -16.67
N LEU B 204 -17.10 4.55 -15.53
CA LEU B 204 -18.14 4.91 -14.57
C LEU B 204 -18.06 6.36 -14.11
N ASN B 205 -16.85 6.86 -13.91
CA ASN B 205 -16.71 8.22 -13.38
C ASN B 205 -17.15 9.27 -14.38
N ASP B 206 -17.44 8.84 -15.60
CA ASP B 206 -17.94 9.75 -16.63
C ASP B 206 -19.46 9.81 -16.70
N LEU B 207 -20.18 8.92 -16.02
CA LEU B 207 -21.63 9.01 -16.09
C LEU B 207 -22.13 10.40 -15.69
N PRO B 208 -21.59 10.97 -14.60
CA PRO B 208 -21.98 12.34 -14.24
C PRO B 208 -21.65 13.36 -15.33
N LEU B 209 -20.54 13.15 -16.03
CA LEU B 209 -20.19 14.01 -17.17
C LEU B 209 -21.27 13.92 -18.24
N PHE B 210 -21.68 12.70 -18.61
CA PHE B 210 -22.70 12.56 -19.64
C PHE B 210 -24.01 13.23 -19.23
N ARG B 211 -24.35 13.18 -17.94
CA ARG B 211 -25.61 13.78 -17.51
C ARG B 211 -25.59 15.30 -17.59
N ALA B 212 -24.40 15.88 -17.58
CA ALA B 212 -24.25 17.33 -17.47
C ALA B 212 -24.11 18.03 -18.82
N VAL B 213 -24.10 17.25 -19.91
CA VAL B 213 -23.86 17.83 -21.24
C VAL B 213 -25.08 17.59 -22.13
N ASP B 214 -25.05 18.21 -23.31
CA ASP B 214 -26.17 18.15 -24.24
C ASP B 214 -25.98 17.03 -25.26
N LEU B 215 -24.72 16.67 -25.49
CA LEU B 215 -24.42 15.56 -26.40
C LEU B 215 -23.36 14.68 -25.76
N ALA B 216 -23.70 13.44 -25.44
CA ALA B 216 -22.77 12.55 -24.73
C ALA B 216 -22.30 11.46 -25.66
N VAL B 217 -21.00 11.19 -25.64
CA VAL B 217 -20.40 10.15 -26.47
C VAL B 217 -19.54 9.24 -25.62
N TYR B 218 -19.80 7.94 -25.72
CA TYR B 218 -19.08 6.93 -24.97
C TYR B 218 -18.03 6.29 -25.88
N VAL B 219 -16.77 6.27 -25.43
CA VAL B 219 -15.72 5.66 -26.23
C VAL B 219 -15.04 4.54 -25.48
N GLY B 220 -15.77 3.97 -24.52
CA GLY B 220 -15.31 2.80 -23.79
C GLY B 220 -15.59 1.52 -24.55
N ARG B 221 -15.45 0.38 -23.88
CA ARG B 221 -15.52 -0.91 -24.59
C ARG B 221 -16.84 -1.68 -24.57
N GLY B 222 -17.75 -1.35 -23.65
CA GLY B 222 -19.02 -2.06 -23.63
C GLY B 222 -20.04 -1.49 -24.60
N ASP B 223 -21.30 -1.85 -24.41
CA ASP B 223 -22.40 -1.06 -24.96
C ASP B 223 -22.33 0.25 -24.20
N PRO B 224 -22.81 1.34 -24.80
CA PRO B 224 -22.80 2.62 -24.09
C PRO B 224 -23.91 2.71 -23.05
N PRO B 225 -23.76 3.61 -22.07
CA PRO B 225 -24.87 3.86 -21.14
C PRO B 225 -26.07 4.39 -21.90
N GLU B 226 -27.26 4.24 -21.35
CA GLU B 226 -28.45 4.69 -22.06
C GLU B 226 -28.35 6.19 -22.39
N GLY B 227 -28.74 6.56 -23.61
CA GLY B 227 -28.79 7.95 -23.99
C GLY B 227 -27.45 8.54 -24.40
N VAL B 228 -26.44 7.67 -24.49
CA VAL B 228 -25.11 8.11 -24.90
C VAL B 228 -24.77 7.45 -26.23
N LEU B 229 -24.11 8.20 -27.11
CA LEU B 229 -23.76 7.71 -28.44
C LEU B 229 -22.53 6.82 -28.34
N ALA B 230 -22.42 5.85 -29.24
CA ALA B 230 -21.24 4.99 -29.28
C ALA B 230 -20.36 5.32 -30.49
N THR B 231 -19.18 4.72 -30.51
CA THR B 231 -18.27 4.89 -31.62
C THR B 231 -17.79 3.50 -32.00
N PRO B 232 -17.32 3.34 -33.25
CA PRO B 232 -16.90 2.01 -33.73
C PRO B 232 -15.70 1.48 -32.96
N ALA B 233 -14.82 2.38 -32.52
CA ALA B 233 -13.61 1.99 -31.82
C ALA B 233 -13.42 2.81 -30.55
N PRO B 234 -12.76 2.23 -29.54
CA PRO B 234 -12.64 2.93 -28.27
C PRO B 234 -11.48 3.91 -28.23
N GLY B 235 -11.39 4.69 -27.16
CA GLY B 235 -10.25 5.57 -26.96
C GLY B 235 -10.18 6.73 -27.94
N PRO B 236 -8.95 7.17 -28.24
CA PRO B 236 -8.66 8.30 -29.13
C PRO B 236 -9.23 8.14 -30.53
N GLU B 237 -9.25 6.92 -31.05
CA GLU B 237 -9.89 6.68 -32.35
C GLU B 237 -11.39 6.94 -32.23
N GLY B 238 -11.97 6.60 -31.08
CA GLY B 238 -13.36 6.94 -30.83
C GLY B 238 -13.59 8.44 -30.72
N PHE B 239 -12.66 9.14 -30.08
CA PHE B 239 -12.74 10.59 -29.97
C PHE B 239 -12.68 11.22 -31.36
N ARG B 240 -11.78 10.72 -32.20
CA ARG B 240 -11.59 11.26 -33.53
C ARG B 240 -12.84 11.05 -34.37
N TYR B 241 -13.38 9.83 -34.28
CA TYR B 241 -14.60 9.51 -35.00
C TYR B 241 -15.73 10.44 -34.58
N ALA B 242 -15.88 10.62 -33.27
CA ALA B 242 -16.94 11.48 -32.76
C ALA B 242 -16.81 12.91 -33.28
N VAL B 243 -15.60 13.45 -33.27
CA VAL B 243 -15.38 14.79 -33.81
C VAL B 243 -15.83 14.85 -35.28
N GLU B 244 -15.35 13.92 -36.07
CA GLU B 244 -15.63 13.95 -37.50
C GLU B 244 -17.11 13.72 -37.82
N ARG B 245 -17.75 12.77 -37.14
CA ARG B 245 -19.12 12.38 -37.44
C ARG B 245 -20.20 13.15 -36.69
N TYR B 246 -19.96 13.44 -35.42
CA TYR B 246 -20.98 14.05 -34.57
C TYR B 246 -20.85 15.56 -34.46
N LEU B 247 -19.61 16.05 -34.44
CA LEU B 247 -19.38 17.46 -34.14
C LEU B 247 -19.21 18.35 -35.38
N LEU B 248 -18.31 17.97 -36.28
CA LEU B 248 -18.02 18.82 -37.43
C LEU B 248 -19.30 19.17 -38.22
N PRO B 249 -20.12 18.15 -38.54
CA PRO B 249 -21.35 18.44 -39.27
C PRO B 249 -22.20 19.47 -38.54
N ARG B 250 -22.16 19.43 -37.22
CA ARG B 250 -22.97 20.31 -36.38
C ARG B 250 -22.40 21.72 -36.35
N LEU B 251 -21.12 21.86 -36.69
CA LEU B 251 -20.44 23.14 -36.58
C LEU B 251 -20.58 23.94 -37.87
N SER B 252 -20.90 23.40 -38.94
MG MG C . 5.19 -13.89 18.09
V VN4 D . 8.00 -12.42 16.53
O1 VN4 D . 8.71 -13.26 14.98
O2 VN4 D . 8.86 -10.99 17.40
O3 VN4 D . 6.12 -12.55 16.70
C1 2M8 E . 5.91 -8.09 11.61
O1 2M8 E . 6.25 -9.17 12.49
C22 2M8 E . 5.16 -9.71 13.25
C23 2M8 E . 5.72 -10.81 14.17
O13 2M8 E . 4.66 -11.45 14.89
C21 2M8 E . 4.07 -10.26 12.37
O1A 2M8 E . 4.36 -11.01 11.41
O1B 2M8 E . 2.89 -10.19 12.79
C2 2M8 E . 7.20 -7.45 11.12
O2 2M8 E . 6.93 -6.48 10.09
C3 2M8 E . 7.92 -6.77 12.29
O3 2M8 E . 9.10 -6.14 11.81
C4 2M8 E . 6.99 -5.74 12.90
O4 2M8 E . 7.57 -5.19 14.08
C5 2M8 E . 5.67 -6.36 13.31
C6 2M8 E . 4.71 -5.24 13.76
O6 2M8 E . 3.61 -5.83 14.47
O5 2M8 E . 5.07 -7.15 12.28
MG MG F . -11.36 7.33 -18.79
V VN4 G . -10.21 9.87 -16.72
O1 VN4 G . -8.71 10.88 -17.23
O2 VN4 G . -10.35 8.04 -17.15
O3 VN4 G . -11.13 10.42 -15.16
C1 2M8 H . -6.35 7.14 -11.84
O1 2M8 H . -7.31 7.58 -12.83
C22 2M8 H . -7.75 6.57 -13.75
C23 2M8 H . -8.82 7.13 -14.71
O13 2M8 H . -8.51 8.50 -15.08
C21 2M8 H . -8.34 5.38 -13.02
O1A 2M8 H . -9.17 5.56 -12.10
O1B 2M8 H . -8.21 4.27 -13.56
C2 2M8 H . -5.83 8.36 -11.10
O2 2M8 H . -5.03 7.96 -9.96
C3 2M8 H . -5.00 9.24 -12.02
O3 2M8 H . -4.49 10.31 -11.23
C4 2M8 H . -3.84 8.42 -12.61
O4 2M8 H . -3.17 9.17 -13.65
C5 2M8 H . -4.36 7.14 -13.26
C6 2M8 H . -3.17 6.27 -13.62
O6 2M8 H . -3.58 5.30 -14.60
O5 2M8 H . -5.25 6.42 -12.41
#